data_4U0K
#
_entry.id   4U0K
#
_cell.length_a   97.057
_cell.length_b   97.057
_cell.length_c   140.421
_cell.angle_alpha   90.00
_cell.angle_beta   90.00
_cell.angle_gamma   120.00
#
_symmetry.space_group_name_H-M   'P 62 2 2'
#
loop_
_entity.id
_entity.type
_entity.pdbx_description
1 polymer 'Enoyl-[acyl-carrier-protein] reductase [NADH]'
2 non-polymer NICOTINAMIDE-ADENINE-DINUCLEOTIDE
3 non-polymer (3S)-N-(5-CHLORO-2-METHYLPHENYL)-1-CYCLOHEXYL-5-OXOPYRROLIDINE-3-CARBOXAMIDE
4 water water
#
_entity_poly.entity_id   1
_entity_poly.type   'polypeptide(L)'
_entity_poly.pdbx_seq_one_letter_code
;MTGLLDGKRILVSGIITDSSIAFHIARVAQEQGAQLVLTGFDRLRLIQRITDRLPAKAPLLELDVQNEEHLASLAGRVTE
AIGAGNKLDGVVHSIGFMPQTGMGINPFFDAPYADVSKGIHISAYSYASMAKALLPIMNPGGSIVGMDFDPSRAMPAYNW
MTVAKSALESVNRFVAREAGKYGVRSNLVAAGPIRTLAMSAIVGGALGEEAGAQIQLLEEGWDQRAPIGWNMKDATPVAK
TVCALLSDWLPATTGDIIYADGGAHTQLL
;
_entity_poly.pdbx_strand_id   A
#
loop_
_chem_comp.id
_chem_comp.type
_chem_comp.name
_chem_comp.formula
744 non-polymer (3S)-N-(5-CHLORO-2-METHYLPHENYL)-1-CYCLOHEXYL-5-OXOPYRROLIDINE-3-CARBOXAMIDE 'C18 H23 Cl N2 O2'
NAD non-polymer NICOTINAMIDE-ADENINE-DINUCLEOTIDE 'C21 H27 N7 O14 P2'
#
# COMPACT_ATOMS: atom_id res chain seq x y z
N GLY A 3 3.91 22.21 8.30
CA GLY A 3 4.03 20.88 7.71
C GLY A 3 2.99 20.60 6.63
N LEU A 4 3.33 19.75 5.68
CA LEU A 4 2.46 19.49 4.53
C LEU A 4 1.08 18.97 4.91
N LEU A 5 1.00 18.25 6.03
CA LEU A 5 -0.21 17.57 6.44
C LEU A 5 -0.68 18.05 7.81
N ASP A 6 -0.36 19.29 8.15
CA ASP A 6 -0.68 19.86 9.46
C ASP A 6 -2.17 19.75 9.73
N GLY A 7 -2.50 19.15 10.86
CA GLY A 7 -3.88 19.07 11.28
C GLY A 7 -4.70 17.97 10.63
N LYS A 8 -4.06 17.17 9.78
CA LYS A 8 -4.80 16.12 9.10
C LYS A 8 -4.79 14.85 9.93
N ARG A 9 -5.95 14.20 10.03
CA ARG A 9 -6.07 12.90 10.68
C ARG A 9 -6.07 11.78 9.61
N ILE A 10 -5.07 10.91 9.70
CA ILE A 10 -4.83 9.95 8.64
C ILE A 10 -4.70 8.53 9.18
N LEU A 11 -5.42 7.60 8.57
CA LEU A 11 -5.31 6.20 8.93
C LEU A 11 -4.27 5.51 8.03
N VAL A 12 -3.32 4.82 8.64
CA VAL A 12 -2.31 4.10 7.87
C VAL A 12 -2.32 2.61 8.21
N SER A 13 -2.58 1.79 7.20
CA SER A 13 -2.58 0.35 7.34
C SER A 13 -1.26 -0.21 6.79
N GLY A 14 -0.95 -1.45 7.13
CA GLY A 14 0.14 -2.15 6.45
C GLY A 14 1.51 -2.17 7.07
N ILE A 15 1.66 -1.65 8.27
CA ILE A 15 2.94 -1.78 8.95
C ILE A 15 3.07 -3.18 9.53
N ILE A 16 4.17 -3.86 9.23
CA ILE A 16 4.48 -5.12 9.90
C ILE A 16 5.97 -5.20 10.34
N THR A 17 6.86 -4.51 9.64
CA THR A 17 8.26 -4.40 10.07
C THR A 17 8.72 -2.98 9.85
N ASP A 18 9.95 -2.67 10.25
CA ASP A 18 10.47 -1.33 10.07
C ASP A 18 10.89 -1.10 8.61
N SER A 19 10.82 -2.15 7.80
CA SER A 19 11.07 -1.98 6.38
C SER A 19 9.77 -1.88 5.55
N SER A 20 8.62 -2.01 6.19
CA SER A 20 7.34 -1.82 5.49
C SER A 20 7.26 -0.45 4.86
N ILE A 21 6.75 -0.37 3.62
CA ILE A 21 6.56 0.94 2.99
C ILE A 21 5.67 1.81 3.88
N ALA A 22 4.67 1.20 4.52
CA ALA A 22 3.76 1.92 5.41
C ALA A 22 4.46 2.55 6.61
N PHE A 23 5.54 1.93 7.05
CA PHE A 23 6.26 2.49 8.18
C PHE A 23 6.84 3.82 7.77
N HIS A 24 7.39 3.88 6.56
CA HIS A 24 8.00 5.11 6.08
C HIS A 24 6.95 6.15 5.70
N ILE A 25 5.83 5.72 5.13
CA ILE A 25 4.70 6.62 4.94
C ILE A 25 4.29 7.26 6.28
N ALA A 26 4.08 6.44 7.31
CA ALA A 26 3.70 6.93 8.61
C ALA A 26 4.73 7.93 9.18
N ARG A 27 6.01 7.61 9.04
CA ARG A 27 7.05 8.48 9.58
C ARG A 27 7.02 9.84 8.89
N VAL A 28 7.00 9.83 7.56
CA VAL A 28 7.00 11.09 6.83
C VAL A 28 5.72 11.91 7.11
N ALA A 29 4.56 11.25 7.14
CA ALA A 29 3.31 11.92 7.46
C ALA A 29 3.38 12.58 8.85
N GLN A 30 3.95 11.89 9.85
CA GLN A 30 4.09 12.49 11.17
C GLN A 30 5.09 13.66 11.16
N GLU A 31 6.20 13.52 10.43
CA GLU A 31 7.14 14.64 10.28
C GLU A 31 6.47 15.87 9.70
N GLN A 32 5.45 15.66 8.89
CA GLN A 32 4.70 16.75 8.25
C GLN A 32 3.41 17.15 8.99
N GLY A 33 3.31 16.75 10.26
CA GLY A 33 2.25 17.26 11.12
C GLY A 33 0.96 16.46 11.19
N ALA A 34 0.91 15.33 10.52
CA ALA A 34 -0.30 14.52 10.49
C ALA A 34 -0.45 13.81 11.82
N GLN A 35 -1.70 13.64 12.24
CA GLN A 35 -2.02 12.84 13.41
C GLN A 35 -2.52 11.48 12.92
N LEU A 36 -1.85 10.39 13.31
CA LEU A 36 -2.15 9.10 12.73
C LEU A 36 -2.98 8.16 13.63
N VAL A 37 -3.76 7.32 12.95
CA VAL A 37 -4.30 6.08 13.53
C VAL A 37 -3.70 4.94 12.71
N LEU A 38 -3.14 3.93 13.36
CA LEU A 38 -2.53 2.81 12.64
C LEU A 38 -3.43 1.58 12.70
N THR A 39 -3.41 0.76 11.65
CA THR A 39 -4.04 -0.54 11.73
C THR A 39 -3.01 -1.64 11.39
N GLY A 40 -3.12 -2.75 12.10
CA GLY A 40 -2.22 -3.86 11.96
C GLY A 40 -2.94 -5.20 11.90
N PHE A 41 -2.29 -6.16 11.23
CA PHE A 41 -2.86 -7.49 11.04
C PHE A 41 -2.11 -8.53 11.86
N ASP A 42 -2.86 -9.17 12.76
CA ASP A 42 -2.51 -10.42 13.42
C ASP A 42 -1.46 -10.28 14.55
N ARG A 43 -0.29 -9.76 14.23
CA ARG A 43 0.80 -9.68 15.22
C ARG A 43 0.87 -8.29 15.86
N LEU A 44 -0.09 -7.98 16.72
CA LEU A 44 -0.24 -6.62 17.20
C LEU A 44 0.86 -6.24 18.20
N ARG A 45 1.33 -7.19 18.99
CA ARG A 45 2.42 -6.90 19.94
CA ARG A 45 2.41 -6.90 19.93
C ARG A 45 3.66 -6.48 19.18
N LEU A 46 4.02 -7.25 18.16
CA LEU A 46 5.11 -6.91 17.26
C LEU A 46 4.93 -5.52 16.64
N ILE A 47 3.75 -5.26 16.08
CA ILE A 47 3.54 -4.03 15.36
C ILE A 47 3.62 -2.84 16.33
N GLN A 48 3.12 -3.01 17.56
CA GLN A 48 3.23 -1.94 18.55
C GLN A 48 4.70 -1.63 18.85
N ARG A 49 5.51 -2.67 18.97
CA ARG A 49 6.93 -2.48 19.29
C ARG A 49 7.67 -1.79 18.13
N ILE A 50 7.31 -2.16 16.92
CA ILE A 50 7.82 -1.51 15.72
C ILE A 50 7.43 -0.04 15.67
N THR A 51 6.16 0.25 15.88
CA THR A 51 5.69 1.63 15.71
C THR A 51 6.04 2.51 16.91
N ASP A 52 6.54 1.91 18.00
CA ASP A 52 7.14 2.71 19.07
C ASP A 52 8.29 3.58 18.55
N ARG A 53 8.86 3.21 17.40
CA ARG A 53 10.00 3.92 16.83
C ARG A 53 9.55 5.12 15.94
N LEU A 54 8.25 5.26 15.69
CA LEU A 54 7.77 6.42 14.94
C LEU A 54 7.94 7.72 15.74
N PRO A 55 8.09 8.85 15.05
CA PRO A 55 8.31 10.15 15.72
C PRO A 55 7.27 10.53 16.77
N ALA A 56 6.05 10.04 16.61
CA ALA A 56 4.97 10.37 17.53
C ALA A 56 4.06 9.20 17.81
N LYS A 57 3.33 9.31 18.92
CA LYS A 57 2.34 8.33 19.34
C LYS A 57 1.18 8.24 18.38
N ALA A 58 0.72 7.03 18.16
CA ALA A 58 -0.44 6.79 17.28
C ALA A 58 -1.13 5.54 17.77
N PRO A 59 -2.46 5.61 17.97
CA PRO A 59 -3.22 4.43 18.36
C PRO A 59 -3.14 3.33 17.31
N LEU A 60 -3.01 2.10 17.75
CA LEU A 60 -3.00 0.94 16.88
C LEU A 60 -4.31 0.15 17.01
N LEU A 61 -4.98 -0.06 15.88
CA LEU A 61 -6.18 -0.87 15.81
C LEU A 61 -5.98 -2.14 15.02
N GLU A 62 -6.60 -3.22 15.44
CA GLU A 62 -6.52 -4.47 14.70
C GLU A 62 -7.43 -4.43 13.48
N LEU A 63 -6.90 -4.86 12.33
CA LEU A 63 -7.70 -5.01 11.13
C LEU A 63 -7.14 -6.12 10.24
N ASP A 64 -7.88 -7.22 10.21
CA ASP A 64 -7.70 -8.27 9.23
C ASP A 64 -8.72 -7.98 8.14
N VAL A 65 -8.27 -7.63 6.93
CA VAL A 65 -9.25 -7.26 5.91
C VAL A 65 -10.11 -8.42 5.39
N GLN A 66 -9.81 -9.65 5.77
CA GLN A 66 -10.65 -10.79 5.40
C GLN A 66 -11.72 -11.07 6.47
N ASN A 67 -11.68 -10.29 7.55
CA ASN A 67 -12.59 -10.45 8.66
C ASN A 67 -13.74 -9.42 8.59
N GLU A 68 -14.93 -9.90 8.30
CA GLU A 68 -16.08 -9.02 8.09
C GLU A 68 -16.42 -8.22 9.36
N GLU A 69 -16.25 -8.84 10.52
CA GLU A 69 -16.53 -8.18 11.79
C GLU A 69 -15.57 -7.03 12.06
N HIS A 70 -14.29 -7.23 11.74
CA HIS A 70 -13.29 -6.17 11.89
C HIS A 70 -13.67 -4.99 11.03
N LEU A 71 -14.08 -5.24 9.79
CA LEU A 71 -14.42 -4.17 8.88
C LEU A 71 -15.69 -3.44 9.32
N ALA A 72 -16.65 -4.19 9.86
CA ALA A 72 -17.92 -3.62 10.29
C ALA A 72 -17.76 -2.75 11.54
N SER A 73 -16.79 -3.08 12.38
CA SER A 73 -16.54 -2.29 13.59
C SER A 73 -15.51 -1.17 13.39
N LEU A 74 -14.87 -1.12 12.23
CA LEU A 74 -13.66 -0.30 12.09
C LEU A 74 -13.93 1.20 12.25
N ALA A 75 -14.96 1.74 11.60
CA ALA A 75 -15.24 3.17 11.69
C ALA A 75 -15.47 3.59 13.15
N GLY A 76 -16.19 2.78 13.92
CA GLY A 76 -16.49 3.13 15.30
C GLY A 76 -15.26 3.12 16.17
N ARG A 77 -14.38 2.17 15.90
CA ARG A 77 -13.11 2.06 16.61
C ARG A 77 -12.19 3.22 16.25
N VAL A 78 -12.16 3.61 14.98
CA VAL A 78 -11.40 4.79 14.60
C VAL A 78 -11.97 6.03 15.28
N THR A 79 -13.29 6.18 15.27
CA THR A 79 -13.90 7.35 15.87
C THR A 79 -13.57 7.43 17.37
N GLU A 80 -13.60 6.28 18.03
CA GLU A 80 -13.24 6.25 19.44
C GLU A 80 -11.78 6.73 19.60
N ALA A 81 -10.91 6.33 18.68
CA ALA A 81 -9.52 6.71 18.77
C ALA A 81 -9.24 8.20 18.48
N ILE A 82 -10.00 8.82 17.57
CA ILE A 82 -9.75 10.21 17.20
C ILE A 82 -10.72 11.18 17.88
N GLY A 83 -11.74 10.64 18.54
CA GLY A 83 -12.69 11.45 19.27
C GLY A 83 -13.97 11.71 18.48
N ALA A 84 -15.12 11.53 19.15
CA ALA A 84 -16.40 11.79 18.53
C ALA A 84 -16.39 13.18 17.90
N GLY A 85 -17.01 13.28 16.73
CA GLY A 85 -17.12 14.55 16.03
C GLY A 85 -15.91 14.85 15.17
N ASN A 86 -14.87 14.05 15.28
CA ASN A 86 -13.73 14.18 14.36
C ASN A 86 -13.85 13.12 13.28
N LYS A 87 -13.37 13.48 12.09
CA LYS A 87 -13.33 12.55 10.97
C LYS A 87 -11.91 12.46 10.40
N LEU A 88 -11.66 11.44 9.58
CA LEU A 88 -10.38 11.30 8.85
C LEU A 88 -10.27 12.20 7.64
N ASP A 89 -9.07 12.69 7.37
CA ASP A 89 -8.76 13.37 6.13
C ASP A 89 -8.04 12.48 5.15
N GLY A 90 -7.53 11.37 5.64
CA GLY A 90 -6.77 10.48 4.80
C GLY A 90 -6.79 9.03 5.24
N VAL A 91 -6.65 8.18 4.23
CA VAL A 91 -6.55 6.72 4.43
C VAL A 91 -5.48 6.18 3.52
N VAL A 92 -4.58 5.38 4.07
CA VAL A 92 -3.53 4.71 3.31
C VAL A 92 -3.70 3.21 3.41
N HIS A 93 -3.86 2.60 2.24
CA HIS A 93 -3.94 1.16 2.06
C HIS A 93 -2.57 0.70 1.61
N SER A 94 -1.85 -0.01 2.46
CA SER A 94 -0.52 -0.51 2.07
C SER A 94 -0.47 -1.99 2.42
N ILE A 95 -1.41 -2.71 1.81
CA ILE A 95 -1.69 -4.13 2.13
C ILE A 95 -1.61 -5.00 0.88
N GLY A 96 -0.95 -6.13 0.98
CA GLY A 96 -0.78 -6.99 -0.17
C GLY A 96 -0.37 -8.35 0.34
N PHE A 97 -0.77 -9.40 -0.36
CA PHE A 97 -0.41 -10.75 -0.01
C PHE A 97 -0.72 -11.66 -1.18
N MET A 98 0.15 -12.62 -1.45
CA MET A 98 -0.19 -13.69 -2.37
C MET A 98 0.48 -14.96 -1.84
N PRO A 99 -0.29 -16.06 -1.70
CA PRO A 99 0.34 -17.32 -1.28
C PRO A 99 1.51 -17.69 -2.18
N GLN A 100 2.44 -18.48 -1.64
CA GLN A 100 3.65 -18.77 -2.39
C GLN A 100 3.39 -19.55 -3.68
N THR A 101 2.29 -20.30 -3.75
CA THR A 101 1.95 -20.95 -5.01
C THR A 101 1.66 -19.97 -6.15
N GLY A 102 1.38 -18.73 -5.80
CA GLY A 102 0.99 -17.73 -6.77
C GLY A 102 2.14 -16.85 -7.23
N MET A 103 3.34 -17.12 -6.73
CA MET A 103 4.54 -16.34 -7.05
C MET A 103 5.78 -17.21 -7.13
N GLY A 104 6.87 -16.61 -7.59
CA GLY A 104 8.14 -17.31 -7.62
C GLY A 104 8.25 -18.32 -8.74
N ILE A 105 8.98 -19.41 -8.50
CA ILE A 105 9.24 -20.40 -9.52
C ILE A 105 8.07 -21.40 -9.64
N ASN A 106 7.14 -21.32 -8.69
CA ASN A 106 5.97 -22.19 -8.74
C ASN A 106 5.27 -21.86 -10.06
N PRO A 107 4.99 -22.87 -10.91
CA PRO A 107 4.49 -22.51 -12.24
C PRO A 107 3.17 -21.75 -12.18
N PHE A 108 3.02 -20.76 -13.07
CA PHE A 108 1.84 -19.92 -13.13
C PHE A 108 0.55 -20.78 -13.15
N PHE A 109 0.56 -21.82 -13.97
CA PHE A 109 -0.62 -22.68 -14.15
C PHE A 109 -0.89 -23.58 -12.95
N ASP A 110 0.03 -23.68 -12.01
CA ASP A 110 -0.15 -24.60 -10.90
C ASP A 110 -0.75 -23.96 -9.64
N ALA A 111 -1.00 -22.66 -9.68
CA ALA A 111 -1.56 -21.99 -8.49
C ALA A 111 -3.04 -22.35 -8.38
N PRO A 112 -3.45 -22.99 -7.27
CA PRO A 112 -4.87 -23.29 -7.09
C PRO A 112 -5.72 -22.02 -6.95
N TYR A 113 -6.94 -22.02 -7.46
CA TYR A 113 -7.73 -20.79 -7.40
C TYR A 113 -7.94 -20.34 -5.95
N ALA A 114 -8.06 -21.27 -5.02
CA ALA A 114 -8.27 -20.89 -3.62
C ALA A 114 -7.17 -19.93 -3.16
N ASP A 115 -5.94 -20.23 -3.58
CA ASP A 115 -4.80 -19.40 -3.20
C ASP A 115 -4.82 -18.05 -3.91
N VAL A 116 -5.04 -18.08 -5.24
CA VAL A 116 -5.16 -16.84 -6.01
C VAL A 116 -6.27 -15.96 -5.43
N SER A 117 -7.41 -16.57 -5.15
CA SER A 117 -8.55 -15.82 -4.62
C SER A 117 -8.18 -15.13 -3.30
N LYS A 118 -7.46 -15.84 -2.44
CA LYS A 118 -7.03 -15.25 -1.17
C LYS A 118 -6.12 -14.02 -1.43
N GLY A 119 -5.24 -14.12 -2.41
CA GLY A 119 -4.38 -13.01 -2.76
C GLY A 119 -5.16 -11.83 -3.32
N ILE A 120 -6.16 -12.11 -4.14
CA ILE A 120 -6.92 -11.03 -4.76
C ILE A 120 -7.80 -10.37 -3.69
N HIS A 121 -8.26 -11.18 -2.73
CA HIS A 121 -9.08 -10.66 -1.64
C HIS A 121 -8.31 -9.62 -0.86
N ILE A 122 -7.12 -10.00 -0.43
CA ILE A 122 -6.31 -9.13 0.38
C ILE A 122 -5.71 -7.98 -0.39
N SER A 123 -5.30 -8.23 -1.62
CA SER A 123 -4.52 -7.23 -2.35
C SER A 123 -5.38 -6.26 -3.19
N ALA A 124 -6.60 -6.65 -3.54
CA ALA A 124 -7.43 -5.84 -4.46
C ALA A 124 -8.82 -5.54 -3.88
N TYR A 125 -9.58 -6.57 -3.53
CA TYR A 125 -10.94 -6.34 -3.02
C TYR A 125 -10.89 -5.50 -1.73
N SER A 126 -9.87 -5.71 -0.90
CA SER A 126 -9.81 -5.00 0.38
C SER A 126 -9.66 -3.48 0.23
N TYR A 127 -9.20 -3.01 -0.92
CA TYR A 127 -9.14 -1.56 -1.16
C TYR A 127 -10.57 -1.02 -1.17
N ALA A 128 -11.49 -1.77 -1.79
CA ALA A 128 -12.88 -1.38 -1.77
C ALA A 128 -13.48 -1.56 -0.37
N SER A 129 -13.11 -2.66 0.30
CA SER A 129 -13.60 -2.96 1.67
C SER A 129 -13.28 -1.82 2.62
N MET A 130 -12.05 -1.33 2.53
CA MET A 130 -11.63 -0.28 3.45
C MET A 130 -12.30 1.02 3.12
N ALA A 131 -12.46 1.31 1.83
CA ALA A 131 -13.16 2.53 1.44
C ALA A 131 -14.61 2.51 1.92
N LYS A 132 -15.27 1.36 1.78
CA LYS A 132 -16.63 1.22 2.26
C LYS A 132 -16.69 1.52 3.75
N ALA A 133 -15.76 0.96 4.49
CA ALA A 133 -15.73 1.11 5.94
C ALA A 133 -15.46 2.53 6.37
N LEU A 134 -14.58 3.23 5.65
CA LEU A 134 -14.07 4.51 6.15
C LEU A 134 -14.67 5.76 5.51
N LEU A 135 -15.19 5.65 4.30
CA LEU A 135 -15.77 6.83 3.65
C LEU A 135 -16.79 7.54 4.53
N PRO A 136 -17.65 6.79 5.26
CA PRO A 136 -18.62 7.51 6.10
C PRO A 136 -17.99 8.33 7.22
N ILE A 137 -16.71 8.16 7.51
CA ILE A 137 -16.06 8.97 8.54
C ILE A 137 -14.87 9.72 7.95
N MET A 138 -14.99 10.11 6.68
CA MET A 138 -14.00 10.95 6.03
C MET A 138 -14.57 12.33 5.68
N ASN A 139 -13.72 13.35 5.85
CA ASN A 139 -14.07 14.72 5.50
C ASN A 139 -13.98 15.01 4.02
N PRO A 140 -14.81 15.94 3.53
CA PRO A 140 -14.62 16.42 2.16
C PRO A 140 -13.21 16.95 1.94
N GLY A 141 -12.66 16.73 0.76
CA GLY A 141 -11.28 17.10 0.51
C GLY A 141 -10.31 15.99 0.90
N GLY A 142 -10.82 14.91 1.49
CA GLY A 142 -9.99 13.80 1.90
C GLY A 142 -9.43 12.96 0.76
N SER A 143 -8.59 12.01 1.13
CA SER A 143 -7.78 11.30 0.17
C SER A 143 -7.56 9.86 0.63
N ILE A 144 -7.90 8.91 -0.24
CA ILE A 144 -7.59 7.51 -0.07
C ILE A 144 -6.45 7.17 -1.05
N VAL A 145 -5.38 6.56 -0.53
CA VAL A 145 -4.22 6.20 -1.34
C VAL A 145 -3.88 4.73 -1.11
N GLY A 146 -3.65 4.03 -2.21
CA GLY A 146 -3.22 2.64 -2.19
C GLY A 146 -1.87 2.43 -2.87
N MET A 147 -1.19 1.35 -2.51
CA MET A 147 0.11 1.01 -3.11
C MET A 147 -0.05 0.00 -4.24
N ASP A 148 0.61 0.30 -5.34
CA ASP A 148 0.50 -0.44 -6.57
C ASP A 148 1.92 -0.75 -7.10
N PHE A 149 2.04 -1.78 -7.92
CA PHE A 149 3.25 -2.06 -8.70
C PHE A 149 2.73 -2.18 -10.13
N ASP A 150 3.25 -1.37 -11.05
CA ASP A 150 2.75 -1.34 -12.44
C ASP A 150 2.60 -2.75 -13.05
N PRO A 151 1.35 -3.19 -13.29
CA PRO A 151 1.09 -4.52 -13.84
C PRO A 151 0.74 -4.53 -15.33
N SER A 152 1.03 -3.46 -16.07
CA SER A 152 0.51 -3.35 -17.44
C SER A 152 1.27 -4.31 -18.39
N ARG A 153 2.38 -4.83 -17.91
CA ARG A 153 3.17 -5.84 -18.65
C ARG A 153 3.46 -6.99 -17.74
N ALA A 154 3.51 -8.19 -18.30
CA ALA A 154 3.87 -9.36 -17.52
C ALA A 154 5.35 -9.33 -17.19
N MET A 155 5.70 -10.02 -16.12
CA MET A 155 7.09 -10.11 -15.71
C MET A 155 7.31 -11.43 -15.01
N PRO A 156 8.55 -11.86 -14.96
CA PRO A 156 8.86 -13.13 -14.32
C PRO A 156 8.56 -13.08 -12.82
N ALA A 157 8.13 -14.24 -12.29
CA ALA A 157 8.02 -14.52 -10.87
C ALA A 157 6.89 -13.78 -10.13
N TYR A 158 6.55 -12.56 -10.53
CA TYR A 158 5.49 -11.80 -9.87
CA TYR A 158 5.49 -11.82 -9.86
C TYR A 158 4.13 -12.48 -10.09
N ASN A 159 4.01 -13.16 -11.23
CA ASN A 159 2.89 -14.05 -11.56
C ASN A 159 1.50 -13.54 -11.10
N TRP A 160 0.83 -14.24 -10.17
CA TRP A 160 -0.54 -13.85 -9.87
C TRP A 160 -0.64 -12.57 -9.05
N MET A 161 0.46 -12.15 -8.41
CA MET A 161 0.42 -10.85 -7.73
C MET A 161 0.23 -9.72 -8.74
N THR A 162 0.81 -9.88 -9.93
CA THR A 162 0.58 -8.96 -11.04
C THR A 162 -0.87 -8.88 -11.41
N VAL A 163 -1.48 -10.05 -11.50
CA VAL A 163 -2.93 -10.11 -11.78
C VAL A 163 -3.74 -9.39 -10.68
N ALA A 164 -3.40 -9.63 -9.42
CA ALA A 164 -4.04 -8.90 -8.34
C ALA A 164 -3.85 -7.38 -8.45
N LYS A 165 -2.66 -6.91 -8.85
CA LYS A 165 -2.49 -5.48 -9.04
C LYS A 165 -3.30 -4.94 -10.21
N SER A 166 -3.43 -5.72 -11.28
CA SER A 166 -4.29 -5.28 -12.38
C SER A 166 -5.72 -5.13 -11.89
N ALA A 167 -6.17 -6.04 -11.03
CA ALA A 167 -7.50 -5.95 -10.45
C ALA A 167 -7.60 -4.69 -9.55
N LEU A 168 -6.56 -4.45 -8.75
CA LEU A 168 -6.56 -3.28 -7.87
C LEU A 168 -6.68 -1.97 -8.63
N GLU A 169 -5.98 -1.86 -9.76
CA GLU A 169 -6.07 -0.63 -10.53
C GLU A 169 -7.51 -0.42 -11.00
N SER A 170 -8.19 -1.49 -11.37
CA SER A 170 -9.60 -1.41 -11.77
C SER A 170 -10.51 -1.04 -10.58
N VAL A 171 -10.27 -1.67 -9.43
CA VAL A 171 -11.03 -1.36 -8.22
C VAL A 171 -10.88 0.13 -7.88
N ASN A 172 -9.66 0.65 -8.00
CA ASN A 172 -9.41 2.05 -7.66
C ASN A 172 -10.27 2.99 -8.49
N ARG A 173 -10.47 2.70 -9.77
CA ARG A 173 -11.27 3.57 -10.63
C ARG A 173 -12.74 3.57 -10.22
N PHE A 174 -13.24 2.43 -9.73
CA PHE A 174 -14.60 2.38 -9.17
C PHE A 174 -14.69 3.02 -7.81
N VAL A 175 -13.68 2.81 -6.97
CA VAL A 175 -13.70 3.42 -5.65
C VAL A 175 -13.75 4.95 -5.81
N ALA A 176 -13.08 5.46 -6.84
CA ALA A 176 -13.08 6.89 -7.07
C ALA A 176 -14.50 7.42 -7.32
N ARG A 177 -15.33 6.62 -8.01
CA ARG A 177 -16.72 7.02 -8.24
C ARG A 177 -17.49 7.14 -6.95
N GLU A 178 -17.32 6.18 -6.07
CA GLU A 178 -18.00 6.20 -4.78
C GLU A 178 -17.48 7.32 -3.88
N ALA A 179 -16.16 7.46 -3.86
CA ALA A 179 -15.48 8.41 -2.97
C ALA A 179 -15.81 9.85 -3.39
N GLY A 180 -16.00 10.05 -4.68
CA GLY A 180 -16.40 11.36 -5.18
C GLY A 180 -17.67 11.93 -4.55
N LYS A 181 -18.61 11.05 -4.21
CA LYS A 181 -19.86 11.46 -3.56
C LYS A 181 -19.62 12.11 -2.21
N TYR A 182 -18.47 11.80 -1.61
CA TYR A 182 -18.06 12.35 -0.32
C TYR A 182 -17.06 13.48 -0.44
N GLY A 183 -16.74 13.87 -1.67
CA GLY A 183 -15.71 14.88 -1.89
C GLY A 183 -14.31 14.33 -1.65
N VAL A 184 -14.15 13.02 -1.81
CA VAL A 184 -12.89 12.34 -1.47
C VAL A 184 -12.25 11.77 -2.74
N ARG A 185 -10.93 11.89 -2.80
CA ARG A 185 -10.13 11.37 -3.91
C ARG A 185 -9.64 9.97 -3.60
N SER A 186 -9.41 9.20 -4.65
CA SER A 186 -8.86 7.84 -4.53
C SER A 186 -7.81 7.65 -5.60
N ASN A 187 -6.60 7.27 -5.19
CA ASN A 187 -5.50 7.13 -6.15
C ASN A 187 -4.54 6.06 -5.67
N LEU A 188 -3.77 5.52 -6.61
CA LEU A 188 -2.73 4.61 -6.28
C LEU A 188 -1.37 5.24 -6.54
N VAL A 189 -0.38 4.83 -5.75
CA VAL A 189 1.02 5.12 -6.07
C VAL A 189 1.69 3.83 -6.53
N ALA A 190 2.14 3.84 -7.78
CA ALA A 190 2.89 2.75 -8.36
C ALA A 190 4.36 3.02 -8.07
N ALA A 191 4.85 2.23 -7.14
CA ALA A 191 6.25 2.34 -6.69
C ALA A 191 7.16 1.43 -7.47
N GLY A 192 8.43 1.84 -7.59
CA GLY A 192 9.47 0.95 -8.02
C GLY A 192 9.74 -0.11 -6.94
N PRO A 193 10.58 -1.09 -7.25
CA PRO A 193 10.90 -2.16 -6.29
C PRO A 193 11.62 -1.63 -5.08
N ILE A 194 11.15 -2.06 -3.91
CA ILE A 194 11.70 -1.64 -2.63
C ILE A 194 12.13 -2.90 -1.88
N ARG A 195 13.35 -2.88 -1.39
CA ARG A 195 13.94 -4.05 -0.79
C ARG A 195 13.51 -4.16 0.67
N THR A 196 12.25 -4.51 0.84
CA THR A 196 11.67 -4.90 2.12
C THR A 196 12.29 -6.22 2.60
N LEU A 197 11.93 -6.65 3.80
CA LEU A 197 12.40 -7.93 4.33
C LEU A 197 12.01 -9.08 3.39
N ALA A 198 10.74 -9.14 3.02
CA ALA A 198 10.26 -10.23 2.17
C ALA A 198 10.93 -10.21 0.80
N MET A 199 11.13 -9.02 0.24
CA MET A 199 11.79 -8.93 -1.05
C MET A 199 13.24 -9.38 -0.97
N SER A 200 13.94 -9.03 0.11
CA SER A 200 15.31 -9.49 0.28
C SER A 200 15.34 -11.01 0.40
N ALA A 201 14.35 -11.58 1.08
CA ALA A 201 14.26 -13.02 1.23
C ALA A 201 14.06 -13.68 -0.15
N ILE A 202 13.21 -13.06 -0.98
CA ILE A 202 12.97 -13.60 -2.35
C ILE A 202 14.25 -13.57 -3.19
N VAL A 203 14.94 -12.45 -3.17
CA VAL A 203 16.21 -12.32 -3.87
C VAL A 203 17.19 -13.36 -3.37
N GLY A 204 17.13 -13.64 -2.08
CA GLY A 204 17.96 -14.67 -1.48
C GLY A 204 17.53 -16.09 -1.80
N GLY A 205 16.42 -16.25 -2.51
CA GLY A 205 16.00 -17.56 -2.99
C GLY A 205 14.83 -18.22 -2.26
N ALA A 206 14.15 -17.49 -1.39
CA ALA A 206 13.03 -18.09 -0.64
C ALA A 206 11.90 -18.67 -1.51
N LEU A 207 11.66 -18.10 -2.69
CA LEU A 207 10.62 -18.63 -3.58
C LEU A 207 11.24 -19.26 -4.82
N GLY A 208 12.45 -19.79 -4.66
CA GLY A 208 13.21 -20.43 -5.74
C GLY A 208 14.37 -19.59 -6.27
N GLU A 209 15.42 -20.26 -6.73
CA GLU A 209 16.65 -19.59 -7.19
C GLU A 209 16.44 -18.72 -8.41
N GLU A 210 15.76 -19.24 -9.42
CA GLU A 210 15.59 -18.50 -10.66
C GLU A 210 14.67 -17.31 -10.44
N ALA A 211 13.72 -17.43 -9.52
CA ALA A 211 12.89 -16.29 -9.17
C ALA A 211 13.72 -15.19 -8.54
N GLY A 212 14.62 -15.56 -7.64
CA GLY A 212 15.47 -14.57 -7.03
C GLY A 212 16.33 -13.88 -8.07
N ALA A 213 16.87 -14.68 -8.98
CA ALA A 213 17.74 -14.15 -10.03
C ALA A 213 17.00 -13.15 -10.94
N GLN A 214 15.76 -13.49 -11.26
CA GLN A 214 14.94 -12.65 -12.12
CA GLN A 214 14.95 -12.65 -12.13
C GLN A 214 14.59 -11.33 -11.45
N ILE A 215 14.27 -11.37 -10.17
CA ILE A 215 14.01 -10.11 -9.47
C ILE A 215 15.23 -9.26 -9.39
N GLN A 216 16.39 -9.89 -9.23
CA GLN A 216 17.58 -9.11 -9.16
C GLN A 216 17.84 -8.41 -10.47
N LEU A 217 17.54 -9.09 -11.56
CA LEU A 217 17.72 -8.47 -12.89
C LEU A 217 16.72 -7.34 -13.09
N LEU A 218 15.52 -7.57 -12.64
CA LEU A 218 14.47 -6.53 -12.68
C LEU A 218 14.91 -5.25 -11.94
N GLU A 219 15.41 -5.41 -10.73
CA GLU A 219 15.91 -4.26 -9.96
C GLU A 219 17.00 -3.50 -10.65
N GLU A 220 17.97 -4.23 -11.20
CA GLU A 220 19.07 -3.58 -11.86
C GLU A 220 18.57 -2.80 -13.07
N GLY A 221 17.67 -3.39 -13.83
CA GLY A 221 17.16 -2.75 -15.04
C GLY A 221 16.42 -1.49 -14.68
N TRP A 222 15.78 -1.52 -13.52
CA TRP A 222 14.95 -0.41 -13.08
C TRP A 222 15.78 0.85 -12.87
N ASP A 223 16.88 0.70 -12.14
CA ASP A 223 17.75 1.82 -11.90
C ASP A 223 18.40 2.29 -13.19
N GLN A 224 18.67 1.36 -14.11
CA GLN A 224 19.28 1.72 -15.39
C GLN A 224 18.31 2.55 -16.23
N ARG A 225 17.05 2.12 -16.28
CA ARG A 225 16.01 2.79 -17.08
C ARG A 225 15.59 4.12 -16.49
N ALA A 226 15.59 4.22 -15.17
CA ALA A 226 15.10 5.41 -14.49
C ALA A 226 15.97 6.64 -14.82
N PRO A 227 15.38 7.67 -15.46
CA PRO A 227 16.27 8.80 -15.79
C PRO A 227 16.90 9.51 -14.60
N ILE A 228 16.26 9.41 -13.44
CA ILE A 228 16.85 10.00 -12.23
C ILE A 228 17.34 8.92 -11.29
N GLY A 229 17.45 7.70 -11.80
CA GLY A 229 17.89 6.58 -10.99
C GLY A 229 16.79 6.06 -10.05
N TRP A 230 17.07 4.91 -9.43
CA TRP A 230 16.12 4.28 -8.51
C TRP A 230 16.92 3.57 -7.45
N ASN A 231 16.69 3.92 -6.20
CA ASN A 231 17.35 3.30 -5.06
C ASN A 231 16.38 2.39 -4.33
N MET A 232 16.51 1.09 -4.55
CA MET A 232 15.58 0.14 -3.96
C MET A 232 15.66 0.09 -2.42
N LYS A 233 16.73 0.66 -1.85
CA LYS A 233 16.92 0.63 -0.40
C LYS A 233 16.31 1.87 0.27
N ASP A 234 15.69 2.76 -0.50
CA ASP A 234 15.16 4.03 0.03
C ASP A 234 13.66 4.20 -0.27
N ALA A 235 12.80 3.96 0.72
CA ALA A 235 11.35 4.13 0.60
C ALA A 235 10.90 5.58 0.74
N THR A 236 11.80 6.47 1.15
CA THR A 236 11.39 7.85 1.42
C THR A 236 10.73 8.56 0.23
N PRO A 237 11.26 8.38 -1.00
CA PRO A 237 10.63 9.03 -2.15
C PRO A 237 9.20 8.56 -2.38
N VAL A 238 8.96 7.29 -2.10
CA VAL A 238 7.63 6.74 -2.22
C VAL A 238 6.74 7.31 -1.14
N ALA A 239 7.25 7.36 0.08
CA ALA A 239 6.48 7.90 1.19
C ALA A 239 6.11 9.38 0.93
N LYS A 240 7.05 10.15 0.40
CA LYS A 240 6.78 11.56 0.08
C LYS A 240 5.67 11.69 -0.95
N THR A 241 5.66 10.83 -1.94
CA THR A 241 4.64 10.82 -2.98
C THR A 241 3.24 10.51 -2.39
N VAL A 242 3.17 9.54 -1.48
CA VAL A 242 1.91 9.23 -0.80
C VAL A 242 1.46 10.46 -0.04
N CYS A 243 2.36 11.10 0.69
CA CYS A 243 2.01 12.33 1.39
C CYS A 243 1.54 13.45 0.44
N ALA A 244 2.14 13.56 -0.74
CA ALA A 244 1.69 14.53 -1.75
C ALA A 244 0.22 14.28 -2.07
N LEU A 245 -0.15 13.02 -2.23
CA LEU A 245 -1.52 12.67 -2.58
C LEU A 245 -2.48 12.89 -1.41
N LEU A 246 -1.96 12.82 -0.19
CA LEU A 246 -2.76 13.03 1.01
C LEU A 246 -2.97 14.51 1.26
N SER A 247 -2.13 15.34 0.67
CA SER A 247 -2.16 16.76 0.89
C SER A 247 -3.26 17.41 0.04
N ASP A 248 -3.33 18.73 0.16
CA ASP A 248 -4.26 19.53 -0.63
C ASP A 248 -3.74 19.92 -2.02
N TRP A 249 -2.57 19.41 -2.41
CA TRP A 249 -1.84 19.94 -3.57
C TRP A 249 -2.10 19.17 -4.87
N LEU A 250 -2.83 18.07 -4.78
CA LEU A 250 -3.30 17.38 -5.99
C LEU A 250 -4.83 17.27 -5.96
N PRO A 251 -5.52 18.40 -5.95
CA PRO A 251 -6.96 18.35 -5.68
C PRO A 251 -7.84 17.89 -6.84
N ALA A 252 -7.29 17.74 -8.05
CA ALA A 252 -8.11 17.39 -9.23
C ALA A 252 -7.71 16.05 -9.82
N THR A 253 -7.04 15.24 -9.01
CA THR A 253 -6.57 13.91 -9.41
C THR A 253 -7.30 12.83 -8.64
N THR A 254 -8.01 11.96 -9.36
CA THR A 254 -8.67 10.84 -8.73
C THR A 254 -8.89 9.72 -9.72
N GLY A 255 -9.06 8.50 -9.19
CA GLY A 255 -9.15 7.28 -10.00
C GLY A 255 -7.86 6.96 -10.72
N ASP A 256 -6.77 7.56 -10.27
CA ASP A 256 -5.56 7.61 -11.05
C ASP A 256 -4.40 6.90 -10.39
N ILE A 257 -3.30 6.85 -11.11
CA ILE A 257 -2.07 6.20 -10.66
C ILE A 257 -0.92 7.18 -10.81
N ILE A 258 -0.22 7.46 -9.73
CA ILE A 258 0.97 8.29 -9.73
C ILE A 258 2.18 7.37 -9.65
N TYR A 259 3.11 7.51 -10.58
CA TYR A 259 4.29 6.62 -10.64
C TYR A 259 5.44 7.21 -9.86
N ALA A 260 5.81 6.54 -8.77
CA ALA A 260 6.97 6.92 -7.96
C ALA A 260 8.02 5.84 -8.19
N ASP A 261 8.64 5.88 -9.36
CA ASP A 261 9.45 4.77 -9.85
C ASP A 261 10.72 5.21 -10.55
N GLY A 262 11.09 6.47 -10.33
CA GLY A 262 12.27 7.05 -10.95
C GLY A 262 12.08 7.40 -12.42
N GLY A 263 10.84 7.31 -12.88
CA GLY A 263 10.54 7.45 -14.29
C GLY A 263 10.82 6.20 -15.13
N ALA A 264 11.13 5.08 -14.49
CA ALA A 264 11.49 3.88 -15.26
C ALA A 264 10.40 3.43 -16.25
N HIS A 265 9.13 3.55 -15.90
CA HIS A 265 8.08 3.04 -16.78
C HIS A 265 7.93 3.86 -18.05
N THR A 266 8.62 5.00 -18.15
CA THR A 266 8.55 5.87 -19.31
C THR A 266 9.65 5.62 -20.32
N GLN A 267 10.50 4.63 -20.03
CA GLN A 267 11.71 4.40 -20.81
C GLN A 267 11.79 2.91 -21.17
N LEU A 268 12.18 2.60 -22.39
CA LEU A 268 12.20 1.19 -22.80
C LEU A 268 13.52 0.58 -22.37
N LEU A 269 14.58 1.34 -22.61
CA LEU A 269 15.87 1.01 -22.05
C LEU A 269 16.68 2.31 -21.98
PA NAD B . 4.89 -5.45 3.76
O1A NAD B . 5.71 -4.68 4.70
O2A NAD B . 4.95 -6.90 3.95
O5B NAD B . 3.39 -4.98 3.83
C5B NAD B . 2.29 -5.83 3.46
C4B NAD B . 1.29 -5.62 4.56
O4B NAD B . 0.06 -6.32 4.26
C3B NAD B . 1.76 -6.14 5.94
O3B NAD B . 1.62 -5.15 6.98
C2B NAD B . 0.80 -7.29 6.23
O2B NAD B . 0.53 -7.45 7.61
C1B NAD B . -0.44 -6.76 5.51
N9A NAD B . -1.50 -7.74 5.33
C8A NAD B . -1.42 -9.01 4.83
N7A NAD B . -2.52 -9.71 4.97
C5A NAD B . -3.38 -8.83 5.61
C6A NAD B . -4.71 -8.96 6.05
N6A NAD B . -5.40 -10.10 6.00
N1A NAD B . -5.31 -7.88 6.61
C2A NAD B . -4.58 -6.76 6.75
N3A NAD B . -3.31 -6.53 6.39
C4A NAD B . -2.77 -7.61 5.82
O3 NAD B . 5.38 -5.20 2.27
PN NAD B . 5.39 -3.83 1.45
O1N NAD B . 5.53 -2.68 2.38
O2N NAD B . 6.37 -4.04 0.35
O5D NAD B . 3.96 -3.81 0.80
C5D NAD B . 3.02 -2.75 1.04
C4D NAD B . 2.25 -2.49 -0.22
O4D NAD B . 3.15 -1.91 -1.21
C3D NAD B . 1.64 -3.73 -0.90
O3D NAD B . 0.45 -3.32 -1.57
C2D NAD B . 2.67 -4.06 -1.97
O2D NAD B . 2.07 -4.82 -3.00
C1D NAD B . 3.02 -2.65 -2.40
N1N NAD B . 4.29 -2.46 -3.22
C2N NAD B . 5.44 -3.02 -2.80
C3N NAD B . 6.58 -2.92 -3.57
C7N NAD B . 7.91 -3.45 -3.14
O7N NAD B . 8.78 -3.64 -3.97
N7N NAD B . 8.06 -3.81 -1.88
C4N NAD B . 6.52 -2.22 -4.78
C5N NAD B . 5.34 -1.61 -5.16
C6N NAD B . 4.23 -1.74 -4.35
HOA2 NAD B . 4.74 -7.58 3.26
H51A NAD B . 2.67 -6.85 3.45
H52A NAD B . 1.93 -5.58 2.46
H4B NAD B . 0.98 -4.57 4.60
H3B NAD B . 2.81 -6.41 5.92
HO3A NAD B . 2.47 -4.64 7.02
H2B NAD B . 1.19 -8.20 5.77
HO2A NAD B . 0.71 -8.40 7.80
H1B NAD B . -0.87 -5.92 6.03
H8A NAD B . -0.52 -9.40 4.34
H61A NAD B . -4.95 -10.94 5.64
H62A NAD B . -6.35 -10.15 6.33
H2A NAD B . -5.11 -5.93 7.22
H51N NAD B . 3.53 -1.85 1.38
H52N NAD B . 2.37 -3.10 1.84
H4D NAD B . 1.51 -1.71 -0.09
H3D NAD B . 1.45 -4.56 -0.22
HO3N NAD B . -0.16 -4.12 -1.56
H2D NAD B . 3.51 -4.66 -1.61
HO2N NAD B . 2.54 -4.69 -3.88
H1D NAD B . 2.24 -2.20 -3.00
H2N NAD B . 5.44 -3.55 -1.85
H71N NAD B . 7.28 -3.72 -1.23
H72N NAD B . 8.92 -4.18 -1.48
H5N NAD B . 5.27 -1.03 -6.07
H6N NAD B . 3.29 -1.26 -4.62
C1 744 C . 3.01 -9.85 -1.34
C2 744 C . 3.93 -9.18 -2.34
C3 744 C . 4.03 -7.66 -2.15
C4 744 C . 4.38 -7.34 -0.70
C5 744 C . 3.45 -8.01 0.29
C6 744 C . 3.40 -9.51 0.09
C7 744 C . 4.60 -6.57 -4.25
C8 744 C . 5.88 -6.05 -4.92
C9 744 C . 7.04 -6.73 -4.28
C10 744 C . 6.45 -6.98 -2.88
N11 744 C . 5.01 -7.08 -3.08
C12 744 C . 7.24 -8.02 -5.07
N13 744 C . 8.04 -7.96 -6.14
O14 744 C . 6.66 -9.01 -4.72
O15 744 C . 3.48 -6.47 -4.67
C15 744 C . 8.28 -9.04 -7.01
C20 744 C . 8.46 -8.75 -8.39
C23 744 C . 8.44 -7.36 -8.88
C19 744 C . 8.66 -9.83 -9.26
C18 744 C . 8.69 -11.16 -8.80
C17 744 C . 8.49 -11.42 -7.45
CL1 744 C . 8.52 -13.11 -6.79
C16 744 C . 8.30 -10.36 -6.57
HN13 744 C . 8.46 -7.09 -6.37
H9 744 C . 7.95 -6.12 -4.33
H101 744 C . 6.84 -7.92 -2.49
H102 744 C . 6.72 -6.22 -2.17
H81 744 C . 5.86 -4.96 -4.88
H82 744 C . 5.76 -6.21 -5.98
H3 744 C . 3.04 -7.22 -2.36
H41 744 C . 4.35 -6.27 -0.54
H42 744 C . 5.42 -7.63 -0.49
H4 744 C . 3.76 -7.79 1.31
H5 744 C . 2.43 -7.59 0.23
H7 744 C . 2.69 -9.96 0.80
H6 744 C . 4.36 -9.97 0.36
H8 744 C . 3.05 -10.93 -1.48
H1 744 C . 1.97 -9.60 -1.52
H2 744 C . 4.93 -9.63 -2.30
H10 744 C . 3.57 -9.39 -3.35
H19 744 C . 8.82 -9.66 -10.33
H18 744 C . 8.85 -11.97 -9.51
H16 744 C . 8.15 -10.57 -5.52
H231 744 C . 9.13 -6.69 -8.39
H232 744 C . 7.46 -6.88 -8.78
H233 744 C . 8.67 -7.22 -9.95
#